data_1KCU
#
_entry.id   1KCU
#
_cell.length_a   73.760
_cell.length_b   71.635
_cell.length_c   87.722
_cell.angle_alpha   90.00
_cell.angle_beta   98.14
_cell.angle_gamma   90.00
#
_symmetry.space_group_name_H-M   'C 1 2 1'
#
loop_
_entity.id
_entity.type
_entity.pdbx_description
1 polymer 'PC287 IMMUNOGLOBULIN'
2 polymer 'PC287 IMMUNOGLOBULIN'
3 water water
#
loop_
_entity_poly.entity_id
_entity_poly.type
_entity_poly.pdbx_seq_one_letter_code
_entity_poly.pdbx_strand_id
1 'polypeptide(L)'
;DIVLTQSPKSMSMSVGEKVTLSCKASENVDTYVSWYQQRPEQPPALLIYGASNRYTGVPDRFTGSGSATDFTLTISSVQA
EDLADYHCGQSYSYPLTFGGGTKLELKRADAAPTVSIFPPSSEQLTSGGASVVCFLNNFYPKDINVKWKIDGSERQNGVA
NSWTAQDSKDSTYSMSSTLTLTKDEYERHNSYTCEATHKTSTSPVVKSFNRNEC
;
L
2 'polypeptide(L)'
;QVKLQQSGPGLVKPSQSLSLTCTVTGYSITSDYAWNWIRQFPGNKLEWMAYISYSGSTTYNPSLKSRISITRDTSKNQFF
LQLNSVTTEDTAIYYCARGGTGFDYWGAGTTLTVSAAATTPPSVYPLAPGSATAAASMVTLGCLVKGYFPEPVTVTWNSG
ALSSGVHTFPAVLQSDLYTLSSSVTVPSSPWPSETVTCNVAHPASSTKVDKKIVPRD
;
H
#
# COMPACT_ATOMS: atom_id res chain seq x y z
N ASP A 1 -9.36 -13.24 -21.65
CA ASP A 1 -9.62 -14.55 -20.98
C ASP A 1 -10.81 -14.43 -20.03
N ILE A 2 -11.13 -15.52 -19.35
CA ILE A 2 -12.26 -15.53 -18.42
C ILE A 2 -11.97 -14.57 -17.25
N VAL A 3 -12.88 -13.62 -17.06
CA VAL A 3 -12.79 -12.60 -16.02
C VAL A 3 -13.41 -13.07 -14.74
N LEU A 4 -12.69 -12.98 -13.62
CA LEU A 4 -13.28 -13.40 -12.36
C LEU A 4 -13.55 -12.17 -11.50
N THR A 5 -14.83 -11.96 -11.22
CA THR A 5 -15.31 -10.83 -10.43
C THR A 5 -15.61 -11.20 -8.99
N GLN A 6 -15.07 -10.43 -8.06
CA GLN A 6 -15.33 -10.64 -6.64
C GLN A 6 -16.29 -9.56 -6.14
N SER A 7 -17.53 -9.97 -5.90
CA SER A 7 -18.60 -9.07 -5.46
C SER A 7 -18.26 -8.19 -4.26
N PRO A 8 -18.12 -8.80 -3.12
CA PRO A 8 -17.71 -8.01 -1.97
C PRO A 8 -16.39 -7.26 -2.17
N LYS A 9 -16.42 -5.95 -2.29
CA LYS A 9 -15.13 -5.29 -2.45
C LYS A 9 -14.44 -5.22 -1.09
N SER A 10 -15.12 -4.62 -0.13
CA SER A 10 -14.57 -4.51 1.23
C SER A 10 -15.67 -4.77 2.25
N MET A 11 -15.60 -5.88 2.96
CA MET A 11 -16.63 -6.14 3.94
C MET A 11 -16.22 -5.83 5.37
N SER A 12 -17.14 -5.17 6.10
CA SER A 12 -16.90 -4.81 7.49
C SER A 12 -17.70 -5.69 8.43
N MET A 13 -17.02 -6.44 9.26
CA MET A 13 -17.73 -7.31 10.17
C MET A 13 -17.07 -7.43 11.54
N SER A 14 -17.75 -8.12 12.45
CA SER A 14 -17.26 -8.29 13.81
C SER A 14 -16.69 -9.68 14.03
N VAL A 15 -15.81 -9.77 15.00
CA VAL A 15 -15.22 -11.04 15.35
C VAL A 15 -16.37 -11.92 15.80
N GLY A 16 -16.40 -13.15 15.29
CA GLY A 16 -17.44 -14.08 15.68
C GLY A 16 -18.60 -14.11 14.71
N GLU A 17 -18.42 -13.56 13.52
CA GLU A 17 -19.48 -13.55 12.54
C GLU A 17 -19.25 -14.54 11.40
N LYS A 18 -20.24 -14.63 10.51
CA LYS A 18 -20.14 -15.50 9.35
C LYS A 18 -20.20 -14.61 8.12
N VAL A 19 -19.17 -14.70 7.29
CA VAL A 19 -19.13 -13.95 6.05
C VAL A 19 -19.33 -14.93 4.94
N THR A 20 -19.62 -14.39 3.78
CA THR A 20 -19.66 -15.18 2.57
C THR A 20 -19.11 -14.33 1.44
N LEU A 21 -17.95 -14.73 0.94
CA LEU A 21 -17.32 -14.00 -0.15
C LEU A 21 -17.74 -14.58 -1.49
N SER A 22 -18.00 -13.71 -2.46
CA SER A 22 -18.42 -14.17 -3.77
C SER A 22 -17.35 -14.02 -4.83
N CYS A 23 -17.33 -14.98 -5.74
CA CYS A 23 -16.38 -14.99 -6.85
C CYS A 23 -17.17 -15.59 -8.01
N LYS A 24 -17.34 -14.79 -9.06
CA LYS A 24 -18.07 -15.25 -10.24
C LYS A 24 -17.14 -15.20 -11.44
N ALA A 25 -17.35 -16.13 -12.37
CA ALA A 25 -16.54 -16.18 -13.59
C ALA A 25 -17.35 -15.79 -14.83
N SER A 26 -16.65 -15.39 -15.87
CA SER A 26 -17.29 -15.02 -17.13
C SER A 26 -17.90 -16.28 -17.78
N GLU A 27 -16.99 -17.24 -18.14
CA GLU A 27 -17.25 -18.57 -18.76
C GLU A 27 -17.19 -19.68 -17.67
N ASN A 28 -17.51 -20.91 -18.10
CA ASN A 28 -17.42 -22.13 -17.28
C ASN A 28 -15.99 -22.44 -16.92
N VAL A 29 -15.74 -22.72 -15.68
CA VAL A 29 -14.38 -23.04 -15.24
C VAL A 29 -14.48 -24.32 -14.41
N ASP A 30 -15.69 -24.91 -14.48
CA ASP A 30 -16.13 -26.10 -13.73
C ASP A 30 -15.91 -25.90 -12.22
N THR A 31 -14.80 -26.47 -11.69
CA THR A 31 -14.49 -26.39 -10.24
C THR A 31 -13.03 -26.01 -9.97
N TYR A 32 -12.35 -25.50 -10.97
CA TYR A 32 -10.93 -25.11 -10.84
C TYR A 32 -10.76 -23.70 -10.30
N VAL A 33 -11.34 -23.46 -9.13
CA VAL A 33 -11.29 -22.16 -8.47
C VAL A 33 -10.58 -22.35 -7.13
N SER A 34 -9.52 -21.57 -6.92
CA SER A 34 -8.72 -21.65 -5.69
C SER A 34 -8.86 -20.33 -4.91
N TRP A 35 -8.78 -20.36 -3.59
CA TRP A 35 -8.88 -19.14 -2.81
C TRP A 35 -7.55 -18.93 -2.08
N TYR A 36 -7.04 -17.71 -2.13
CA TYR A 36 -5.79 -17.36 -1.48
C TYR A 36 -6.06 -16.29 -0.45
N GLN A 37 -5.40 -16.39 0.69
CA GLN A 37 -5.58 -15.40 1.74
C GLN A 37 -4.26 -14.67 1.75
N GLN A 38 -4.28 -13.39 2.11
CA GLN A 38 -3.04 -12.64 2.13
C GLN A 38 -3.04 -11.58 3.23
N ARG A 39 -2.31 -11.85 4.30
CA ARG A 39 -2.22 -10.91 5.39
C ARG A 39 -1.25 -9.80 4.94
N PRO A 40 -1.25 -8.63 5.61
CA PRO A 40 -0.36 -7.52 5.25
C PRO A 40 1.15 -7.81 5.30
N GLU A 41 1.84 -7.45 4.22
CA GLU A 41 3.27 -7.67 4.11
C GLU A 41 3.60 -9.15 4.22
N GLN A 42 2.80 -9.93 3.51
CA GLN A 42 2.88 -11.38 3.43
C GLN A 42 2.41 -11.84 2.06
N PRO A 43 3.00 -12.91 1.53
CA PRO A 43 2.57 -13.39 0.22
C PRO A 43 1.25 -14.15 0.35
N PRO A 44 0.62 -14.45 -0.79
CA PRO A 44 -0.64 -15.20 -0.79
C PRO A 44 -0.45 -16.59 -0.23
N ALA A 45 -1.51 -17.13 0.37
CA ALA A 45 -1.47 -18.47 0.94
C ALA A 45 -2.66 -19.26 0.39
N LEU A 46 -2.43 -20.50 -0.01
CA LEU A 46 -3.49 -21.33 -0.55
C LEU A 46 -4.46 -21.65 0.56
N LEU A 47 -5.74 -21.43 0.28
CA LEU A 47 -6.77 -21.67 1.26
C LEU A 47 -7.65 -22.83 0.83
N ILE A 48 -8.36 -22.62 -0.27
CA ILE A 48 -9.26 -23.64 -0.81
C ILE A 48 -8.93 -23.92 -2.27
N TYR A 49 -8.84 -25.20 -2.63
CA TYR A 49 -8.57 -25.55 -4.03
C TYR A 49 -9.66 -26.49 -4.53
N GLY A 50 -9.80 -26.56 -5.85
CA GLY A 50 -10.82 -27.41 -6.42
C GLY A 50 -12.21 -26.98 -6.01
N ALA A 51 -12.36 -25.67 -5.82
CA ALA A 51 -13.63 -25.05 -5.42
C ALA A 51 -14.05 -25.35 -3.98
N SER A 52 -13.94 -26.62 -3.58
CA SER A 52 -14.36 -27.05 -2.24
C SER A 52 -13.28 -27.65 -1.33
N ASN A 53 -12.23 -28.22 -1.90
CA ASN A 53 -11.18 -28.83 -1.09
C ASN A 53 -10.36 -27.83 -0.29
N ARG A 54 -10.34 -28.03 1.02
CA ARG A 54 -9.61 -27.18 1.91
C ARG A 54 -8.15 -27.64 1.88
N TYR A 55 -7.25 -26.70 1.62
CA TYR A 55 -5.84 -27.03 1.57
C TYR A 55 -5.36 -27.48 2.96
N THR A 56 -4.34 -28.33 2.99
CA THR A 56 -3.81 -28.82 4.24
C THR A 56 -3.36 -27.66 5.12
N GLY A 57 -3.68 -27.74 6.41
CA GLY A 57 -3.29 -26.69 7.34
C GLY A 57 -4.38 -25.69 7.65
N VAL A 58 -5.33 -25.54 6.73
CA VAL A 58 -6.43 -24.60 6.88
C VAL A 58 -7.53 -25.07 7.82
N PRO A 59 -7.89 -24.23 8.81
CA PRO A 59 -8.92 -24.52 9.80
C PRO A 59 -10.26 -24.84 9.15
N ASP A 60 -11.22 -25.33 9.94
CA ASP A 60 -12.53 -25.69 9.41
C ASP A 60 -13.45 -24.52 9.06
N ARG A 61 -13.39 -23.44 9.83
CA ARG A 61 -14.26 -22.29 9.59
C ARG A 61 -14.22 -21.77 8.16
N PHE A 62 -13.39 -22.40 7.32
CA PHE A 62 -13.27 -22.04 5.91
C PHE A 62 -13.90 -23.14 5.08
N THR A 63 -14.89 -22.79 4.25
CA THR A 63 -15.57 -23.79 3.43
C THR A 63 -15.98 -23.22 2.09
N GLY A 64 -15.35 -23.69 1.01
CA GLY A 64 -15.67 -23.20 -0.31
C GLY A 64 -16.59 -24.13 -1.05
N SER A 65 -17.56 -23.56 -1.77
CA SER A 65 -18.50 -24.35 -2.56
C SER A 65 -18.68 -23.63 -3.88
N GLY A 66 -19.48 -24.21 -4.77
CA GLY A 66 -19.71 -23.56 -6.05
C GLY A 66 -19.33 -24.43 -7.23
N SER A 67 -19.92 -24.12 -8.41
CA SER A 67 -19.61 -24.83 -9.66
C SER A 67 -20.03 -24.09 -10.95
N ALA A 68 -18.99 -23.97 -11.77
CA ALA A 68 -18.99 -23.42 -13.12
C ALA A 68 -19.34 -21.96 -13.24
N THR A 69 -19.18 -21.18 -12.24
CA THR A 69 -19.58 -19.83 -12.51
C THR A 69 -19.80 -19.04 -11.27
N ASP A 70 -20.42 -19.66 -10.28
CA ASP A 70 -20.68 -18.96 -9.03
C ASP A 70 -20.00 -19.74 -7.90
N PHE A 71 -19.01 -19.14 -7.28
CA PHE A 71 -18.32 -19.80 -6.20
C PHE A 71 -18.38 -18.96 -4.94
N THR A 72 -18.22 -19.60 -3.79
CA THR A 72 -18.27 -18.86 -2.54
C THR A 72 -17.26 -19.41 -1.54
N LEU A 73 -16.87 -18.55 -0.60
CA LEU A 73 -15.95 -18.91 0.46
C LEU A 73 -16.76 -18.56 1.70
N THR A 74 -17.06 -19.54 2.53
CA THR A 74 -17.81 -19.26 3.73
C THR A 74 -16.90 -19.39 4.92
N ILE A 75 -16.91 -18.37 5.78
CA ILE A 75 -16.10 -18.40 6.96
C ILE A 75 -17.07 -18.54 8.12
N SER A 76 -17.07 -19.72 8.71
CA SER A 76 -17.95 -20.07 9.83
C SER A 76 -17.93 -18.98 10.90
N SER A 77 -16.79 -18.78 11.49
CA SER A 77 -16.62 -17.82 12.54
C SER A 77 -15.35 -17.01 12.29
N VAL A 78 -15.56 -15.74 11.97
CA VAL A 78 -14.49 -14.80 11.66
C VAL A 78 -13.64 -14.54 12.88
N GLN A 79 -12.32 -14.43 12.67
CA GLN A 79 -11.43 -14.12 13.77
C GLN A 79 -10.49 -13.05 13.35
N ALA A 80 -9.86 -12.55 14.36
CA ALA A 80 -8.90 -11.50 14.20
C ALA A 80 -7.93 -11.87 13.10
N GLU A 81 -7.27 -13.00 13.25
CA GLU A 81 -6.29 -13.44 12.27
C GLU A 81 -6.89 -13.75 10.89
N ASP A 82 -8.18 -13.49 10.73
CA ASP A 82 -8.82 -13.71 9.43
C ASP A 82 -8.99 -12.40 8.69
N LEU A 83 -8.64 -11.32 9.36
CA LEU A 83 -8.72 -10.00 8.76
C LEU A 83 -7.63 -9.99 7.71
N ALA A 84 -8.01 -9.94 6.44
CA ALA A 84 -7.03 -9.96 5.38
C ALA A 84 -7.67 -9.81 4.02
N ASP A 85 -6.84 -9.96 2.99
CA ASP A 85 -7.30 -9.87 1.61
C ASP A 85 -7.52 -11.28 1.11
N TYR A 86 -8.62 -11.47 0.38
CA TYR A 86 -8.93 -12.77 -0.18
C TYR A 86 -9.01 -12.69 -1.69
N HIS A 87 -8.24 -13.57 -2.34
CA HIS A 87 -8.21 -13.63 -3.79
C HIS A 87 -8.66 -15.00 -4.22
N CYS A 88 -9.29 -15.04 -5.40
CA CYS A 88 -9.76 -16.28 -5.98
C CYS A 88 -9.33 -16.28 -7.44
N GLY A 89 -8.93 -17.43 -7.95
CA GLY A 89 -8.52 -17.48 -9.33
C GLY A 89 -8.95 -18.77 -9.97
N GLN A 90 -9.00 -18.77 -11.29
CA GLN A 90 -9.38 -19.96 -12.04
C GLN A 90 -8.12 -20.49 -12.71
N SER A 91 -8.08 -21.79 -12.94
CA SER A 91 -6.92 -22.40 -13.57
C SER A 91 -7.38 -23.42 -14.56
N TYR A 92 -8.42 -23.04 -15.31
CA TYR A 92 -9.01 -23.89 -16.31
C TYR A 92 -8.59 -23.44 -17.72
N SER A 93 -8.68 -22.14 -18.00
CA SER A 93 -8.25 -21.58 -19.27
C SER A 93 -6.91 -20.97 -19.08
N TYR A 94 -6.11 -20.89 -20.09
CA TYR A 94 -4.83 -20.56 -19.58
C TYR A 94 -4.36 -19.15 -19.44
N PRO A 95 -4.95 -18.07 -19.99
CA PRO A 95 -4.42 -16.88 -19.32
C PRO A 95 -4.73 -17.05 -17.82
N LEU A 96 -3.95 -17.73 -17.03
CA LEU A 96 -4.46 -17.86 -15.65
C LEU A 96 -4.90 -16.51 -15.14
N THR A 97 -6.04 -16.46 -14.46
CA THR A 97 -6.53 -15.19 -13.98
C THR A 97 -6.97 -15.15 -12.52
N PHE A 98 -6.92 -13.94 -11.96
CA PHE A 98 -7.31 -13.66 -10.59
C PHE A 98 -8.37 -12.56 -10.56
N GLY A 99 -9.17 -12.54 -9.49
CA GLY A 99 -10.18 -11.51 -9.37
C GLY A 99 -9.46 -10.28 -8.83
N GLY A 100 -10.23 -9.26 -8.41
CA GLY A 100 -9.64 -8.06 -7.88
C GLY A 100 -9.38 -8.12 -6.39
N GLY A 101 -9.95 -9.12 -5.71
CA GLY A 101 -9.74 -9.28 -4.27
C GLY A 101 -10.76 -8.59 -3.38
N THR A 102 -11.14 -9.27 -2.29
CA THR A 102 -12.09 -8.72 -1.32
C THR A 102 -11.33 -8.52 -0.02
N LYS A 103 -11.43 -7.32 0.52
CA LYS A 103 -10.75 -7.00 1.77
C LYS A 103 -11.72 -7.09 2.93
N LEU A 104 -11.28 -7.70 4.02
CA LEU A 104 -12.09 -7.89 5.21
C LEU A 104 -11.53 -6.98 6.31
N GLU A 105 -12.32 -6.02 6.76
CA GLU A 105 -11.92 -5.06 7.79
C GLU A 105 -12.73 -5.22 9.06
N LEU A 106 -12.14 -4.88 10.22
CA LEU A 106 -12.86 -4.96 11.48
C LEU A 106 -13.77 -3.76 11.67
N LYS A 107 -15.02 -4.02 12.07
CA LYS A 107 -16.01 -2.96 12.29
C LYS A 107 -15.82 -2.33 13.65
N ARG A 108 -16.20 -1.06 13.77
CA ARG A 108 -16.08 -0.38 15.04
C ARG A 108 -16.97 0.82 15.05
N ALA A 109 -17.04 1.50 16.19
CA ALA A 109 -17.90 2.66 16.28
C ALA A 109 -17.36 3.84 15.48
N ASP A 110 -18.28 4.56 14.86
CA ASP A 110 -17.95 5.74 14.06
C ASP A 110 -17.10 6.69 14.89
N ALA A 111 -16.18 7.39 14.21
CA ALA A 111 -15.29 8.34 14.85
C ALA A 111 -15.03 9.47 13.87
N ALA A 112 -15.10 10.69 14.38
CA ALA A 112 -14.88 11.86 13.55
C ALA A 112 -13.39 12.10 13.37
N PRO A 113 -12.99 12.63 12.22
CA PRO A 113 -11.58 12.90 11.97
C PRO A 113 -11.07 14.13 12.74
N THR A 114 -9.86 14.04 13.29
CA THR A 114 -9.24 15.16 14.00
C THR A 114 -8.38 15.91 12.98
N VAL A 115 -8.96 16.94 12.36
CA VAL A 115 -8.27 17.71 11.34
C VAL A 115 -7.21 18.70 11.83
N SER A 116 -6.09 18.74 11.12
CA SER A 116 -4.99 19.64 11.43
C SER A 116 -4.37 20.22 10.16
N ILE A 117 -4.20 21.54 10.13
CA ILE A 117 -3.59 22.18 8.96
C ILE A 117 -2.30 22.88 9.37
N PHE A 118 -1.35 22.96 8.44
CA PHE A 118 -0.07 23.62 8.76
C PHE A 118 0.45 24.47 7.62
N PRO A 119 0.83 25.72 7.92
CA PRO A 119 1.35 26.62 6.89
C PRO A 119 2.73 26.09 6.56
N PRO A 120 3.26 26.43 5.39
CA PRO A 120 4.60 25.89 5.10
C PRO A 120 5.64 26.44 6.09
N SER A 121 6.66 25.67 6.40
CA SER A 121 7.67 26.11 7.34
C SER A 121 8.59 27.13 6.69
N SER A 122 9.11 28.08 7.46
CA SER A 122 9.99 29.08 6.88
C SER A 122 11.23 28.45 6.26
N GLU A 123 11.59 27.25 6.71
CA GLU A 123 12.76 26.57 6.16
C GLU A 123 12.48 26.20 4.70
N GLN A 124 11.20 25.97 4.38
CA GLN A 124 10.84 25.64 3.01
C GLN A 124 10.60 26.87 2.14
N LEU A 125 9.85 27.85 2.67
CA LEU A 125 9.59 29.05 1.87
C LEU A 125 10.93 29.69 1.51
N THR A 126 11.81 29.73 2.49
CA THR A 126 13.13 30.30 2.31
C THR A 126 13.86 29.73 1.09
N SER A 127 13.50 28.53 0.66
CA SER A 127 14.15 27.95 -0.51
C SER A 127 13.21 27.94 -1.70
N GLY A 128 12.10 28.70 -1.60
CA GLY A 128 11.17 28.82 -2.71
C GLY A 128 9.95 27.92 -2.79
N GLY A 129 9.88 26.88 -1.97
CA GLY A 129 8.72 26.00 -2.03
C GLY A 129 7.60 26.35 -1.07
N ALA A 130 6.42 25.82 -1.34
CA ALA A 130 5.28 26.08 -0.49
C ALA A 130 4.37 24.85 -0.40
N SER A 131 4.43 24.16 0.73
CA SER A 131 3.59 22.99 0.93
C SER A 131 2.63 23.25 2.09
N VAL A 132 1.35 23.01 1.88
CA VAL A 132 0.41 23.22 2.95
C VAL A 132 -0.03 21.80 3.28
N VAL A 133 0.14 21.42 4.53
CA VAL A 133 -0.21 20.07 4.93
C VAL A 133 -1.42 20.01 5.82
N CYS A 134 -2.21 18.97 5.64
CA CYS A 134 -3.42 18.76 6.43
C CYS A 134 -3.55 17.30 6.81
N PHE A 135 -3.71 17.05 8.10
CA PHE A 135 -3.86 15.70 8.62
C PHE A 135 -5.31 15.41 9.02
N LEU A 136 -5.83 14.27 8.56
CA LEU A 136 -7.18 13.85 8.91
C LEU A 136 -7.01 12.52 9.66
N ASN A 137 -6.79 12.61 10.99
CA ASN A 137 -6.50 11.41 11.82
C ASN A 137 -7.62 10.70 12.58
N ASN A 138 -7.35 9.42 12.83
CA ASN A 138 -8.22 8.50 13.58
C ASN A 138 -9.73 8.59 13.37
N PHE A 139 -10.16 8.48 12.11
CA PHE A 139 -11.58 8.53 11.83
C PHE A 139 -12.05 7.17 11.33
N TYR A 140 -13.35 6.96 11.29
CA TYR A 140 -13.90 5.70 10.83
C TYR A 140 -15.37 5.97 10.51
N PRO A 141 -15.90 5.38 9.42
CA PRO A 141 -15.28 4.49 8.44
C PRO A 141 -14.35 5.19 7.42
N LYS A 142 -13.77 4.39 6.53
CA LYS A 142 -12.83 4.83 5.48
C LYS A 142 -13.35 6.08 4.76
N ASP A 143 -14.47 5.92 4.07
CA ASP A 143 -15.11 6.99 3.30
C ASP A 143 -14.96 8.39 3.84
N ILE A 144 -14.28 9.23 3.06
CA ILE A 144 -14.04 10.61 3.44
C ILE A 144 -13.64 11.38 2.18
N ASN A 145 -14.05 12.63 2.11
CA ASN A 145 -13.73 13.46 0.95
C ASN A 145 -13.10 14.78 1.38
N VAL A 146 -11.81 14.94 1.11
CA VAL A 146 -11.12 16.17 1.46
C VAL A 146 -11.17 17.12 0.29
N LYS A 147 -11.05 18.42 0.57
CA LYS A 147 -11.18 19.43 -0.46
C LYS A 147 -10.40 20.68 -0.07
N TRP A 148 -9.60 21.21 -0.98
CA TRP A 148 -8.83 22.43 -0.70
C TRP A 148 -9.48 23.66 -1.30
N LYS A 149 -9.61 24.70 -0.49
CA LYS A 149 -10.17 25.96 -0.94
C LYS A 149 -9.13 27.03 -0.66
N ILE A 150 -8.74 27.76 -1.69
CA ILE A 150 -7.78 28.84 -1.50
C ILE A 150 -8.58 30.13 -1.69
N ASP A 151 -8.60 30.97 -0.66
CA ASP A 151 -9.35 32.22 -0.73
C ASP A 151 -10.77 31.90 -1.20
N GLY A 152 -11.34 30.80 -0.70
CA GLY A 152 -12.70 30.43 -1.06
C GLY A 152 -12.92 29.61 -2.32
N SER A 153 -11.91 29.55 -3.18
CA SER A 153 -12.02 28.79 -4.43
C SER A 153 -11.42 27.37 -4.32
N GLU A 154 -12.06 26.39 -4.93
CA GLU A 154 -11.55 25.02 -4.90
C GLU A 154 -10.28 24.95 -5.72
N ARG A 155 -9.41 24.01 -5.38
CA ARG A 155 -8.19 23.86 -6.15
C ARG A 155 -7.83 22.38 -6.16
N GLN A 156 -7.60 21.84 -7.36
CA GLN A 156 -7.29 20.43 -7.53
C GLN A 156 -5.84 20.12 -7.91
N ASN A 157 -5.12 21.12 -8.42
CA ASN A 157 -3.72 20.90 -8.80
C ASN A 157 -2.76 21.02 -7.63
N GLY A 158 -1.82 20.09 -7.55
CA GLY A 158 -0.82 20.11 -6.49
C GLY A 158 -1.33 19.59 -5.15
N VAL A 159 -2.24 18.63 -5.23
CA VAL A 159 -2.82 18.04 -4.04
C VAL A 159 -2.47 16.55 -4.02
N ALA A 160 -1.61 16.14 -3.09
CA ALA A 160 -1.24 14.73 -2.99
C ALA A 160 -1.79 14.13 -1.70
N ASN A 161 -2.67 13.14 -1.85
CA ASN A 161 -3.28 12.51 -0.69
C ASN A 161 -2.64 11.17 -0.39
N SER A 162 -2.68 10.77 0.89
CA SER A 162 -2.10 9.50 1.31
C SER A 162 -2.94 8.94 2.47
N TRP A 163 -3.37 7.69 2.36
CA TRP A 163 -4.18 7.06 3.40
C TRP A 163 -3.47 5.88 4.04
N THR A 164 -3.70 5.68 5.32
CA THR A 164 -3.09 4.54 6.02
C THR A 164 -4.11 3.42 5.99
N ALA A 165 -3.64 2.20 6.25
CA ALA A 165 -4.53 1.05 6.28
C ALA A 165 -5.19 1.09 7.67
N GLN A 166 -6.26 0.32 7.85
CA GLN A 166 -6.92 0.31 9.15
C GLN A 166 -5.90 0.04 10.25
N ASP A 167 -6.00 0.77 11.35
CA ASP A 167 -5.07 0.60 12.45
C ASP A 167 -5.22 -0.74 13.21
N SER A 168 -4.10 -1.26 13.68
CA SER A 168 -4.09 -2.53 14.38
C SER A 168 -4.26 -2.36 15.89
N LYS A 169 -4.89 -1.26 16.30
CA LYS A 169 -5.13 -1.02 17.72
C LYS A 169 -6.52 -0.45 17.90
N ASP A 170 -6.78 0.72 17.31
CA ASP A 170 -8.08 1.37 17.42
C ASP A 170 -8.99 1.17 16.21
N SER A 171 -8.48 0.48 15.19
CA SER A 171 -9.27 0.21 13.99
C SER A 171 -9.71 1.44 13.20
N THR A 172 -9.01 2.55 13.33
CA THR A 172 -9.41 3.74 12.58
C THR A 172 -8.54 3.88 11.34
N TYR A 173 -8.81 4.92 10.56
CA TYR A 173 -8.00 5.19 9.38
C TYR A 173 -7.38 6.55 9.61
N SER A 174 -6.62 7.03 8.63
CA SER A 174 -5.97 8.33 8.69
C SER A 174 -5.46 8.70 7.32
N MET A 175 -5.41 10.00 7.05
CA MET A 175 -4.91 10.48 5.77
C MET A 175 -4.26 11.85 5.90
N SER A 176 -3.36 12.14 4.97
CA SER A 176 -2.73 13.46 4.95
C SER A 176 -2.91 13.97 3.55
N SER A 177 -3.24 15.26 3.46
CA SER A 177 -3.44 15.89 2.17
C SER A 177 -2.37 16.96 2.11
N THR A 178 -1.59 16.96 1.04
CA THR A 178 -0.53 17.94 0.87
C THR A 178 -0.73 18.72 -0.42
N LEU A 179 -0.76 20.04 -0.27
CA LEU A 179 -0.94 20.95 -1.39
C LEU A 179 0.38 21.64 -1.65
N THR A 180 0.82 21.60 -2.90
CA THR A 180 2.11 22.20 -3.23
C THR A 180 2.05 23.36 -4.19
N LEU A 181 2.68 24.47 -3.79
CA LEU A 181 2.73 25.69 -4.60
C LEU A 181 4.12 26.30 -4.63
N THR A 182 4.36 27.14 -5.61
CA THR A 182 5.63 27.84 -5.71
C THR A 182 5.47 28.95 -4.67
N LYS A 183 6.57 29.53 -4.22
CA LYS A 183 6.48 30.59 -3.24
C LYS A 183 5.67 31.78 -3.81
N ASP A 184 5.82 32.03 -5.11
CA ASP A 184 5.11 33.13 -5.76
C ASP A 184 3.61 32.90 -5.65
N GLU A 185 3.18 31.70 -6.03
CA GLU A 185 1.77 31.36 -5.99
C GLU A 185 1.26 31.53 -4.55
N TYR A 186 1.99 30.96 -3.61
CA TYR A 186 1.61 31.02 -2.21
C TYR A 186 1.30 32.42 -1.68
N GLU A 187 2.25 33.35 -1.84
CA GLU A 187 2.12 34.72 -1.38
C GLU A 187 1.10 35.64 -2.07
N ARG A 188 0.34 35.16 -3.04
CA ARG A 188 -0.62 36.06 -3.64
C ARG A 188 -2.02 35.77 -3.12
N HIS A 189 -2.14 34.73 -2.31
CA HIS A 189 -3.40 34.33 -1.73
C HIS A 189 -3.25 34.44 -0.22
N ASN A 190 -4.35 34.54 0.51
CA ASN A 190 -4.23 34.69 1.95
C ASN A 190 -4.94 33.65 2.81
N SER A 191 -6.03 33.10 2.29
CA SER A 191 -6.80 32.12 3.03
C SER A 191 -6.61 30.70 2.49
N TYR A 192 -6.32 29.78 3.40
CA TYR A 192 -6.13 28.38 3.03
C TYR A 192 -7.04 27.47 3.87
N THR A 193 -7.95 26.79 3.19
CA THR A 193 -8.89 25.94 3.89
C THR A 193 -8.81 24.49 3.49
N CYS A 194 -8.83 23.63 4.51
CA CYS A 194 -8.82 22.18 4.33
C CYS A 194 -10.22 21.80 4.80
N GLU A 195 -11.06 21.40 3.86
CA GLU A 195 -12.44 21.06 4.18
C GLU A 195 -12.69 19.55 4.07
N ALA A 196 -13.01 18.95 5.21
CA ALA A 196 -13.28 17.53 5.28
C ALA A 196 -14.77 17.35 5.45
N THR A 197 -15.28 16.26 4.90
CA THR A 197 -16.69 15.94 4.97
C THR A 197 -16.79 14.43 5.20
N HIS A 198 -17.12 14.07 6.43
CA HIS A 198 -17.22 12.68 6.88
C HIS A 198 -18.68 12.40 7.31
N LYS A 199 -19.11 11.15 7.20
CA LYS A 199 -20.47 10.84 7.56
C LYS A 199 -20.83 11.09 9.03
N THR A 200 -19.84 11.39 9.85
CA THR A 200 -20.09 11.65 11.28
C THR A 200 -20.57 13.06 11.54
N SER A 201 -20.91 13.81 10.49
CA SER A 201 -21.36 15.18 10.70
C SER A 201 -22.05 15.73 9.47
N THR A 202 -23.16 16.42 9.68
CA THR A 202 -23.92 17.00 8.59
C THR A 202 -23.22 18.19 7.95
N SER A 203 -22.34 18.83 8.71
CA SER A 203 -21.61 19.97 8.19
C SER A 203 -20.13 19.65 8.04
N PRO A 204 -19.48 20.20 6.99
CA PRO A 204 -18.06 19.97 6.73
C PRO A 204 -17.13 20.41 7.85
N VAL A 205 -16.17 19.55 8.19
CA VAL A 205 -15.19 19.85 9.22
C VAL A 205 -14.16 20.73 8.50
N VAL A 206 -13.93 21.95 8.98
CA VAL A 206 -12.96 22.82 8.31
C VAL A 206 -11.87 23.43 9.18
N LYS A 207 -10.63 23.34 8.70
CA LYS A 207 -9.48 23.94 9.37
C LYS A 207 -8.93 24.96 8.38
N SER A 208 -8.67 26.17 8.87
CA SER A 208 -8.19 27.21 8.00
C SER A 208 -7.15 28.10 8.67
N PHE A 209 -6.51 28.95 7.88
CA PHE A 209 -5.52 29.89 8.39
C PHE A 209 -5.28 30.98 7.36
N ASN A 210 -5.15 32.21 7.82
CA ASN A 210 -4.91 33.32 6.93
C ASN A 210 -3.43 33.64 7.02
N ARG A 211 -2.80 33.87 5.88
CA ARG A 211 -1.38 34.13 5.86
C ARG A 211 -0.97 35.40 6.58
N ASN A 212 -1.81 36.43 6.58
CA ASN A 212 -1.48 37.67 7.28
C ASN A 212 -1.64 37.54 8.78
N GLU A 213 -1.54 36.32 9.29
CA GLU A 213 -1.65 36.09 10.72
C GLU A 213 -0.46 35.28 11.25
N CYS A 214 0.56 36.01 11.69
CA CYS A 214 1.81 35.47 12.23
C CYS A 214 1.86 33.95 12.36
N GLN B 1 10.37 -28.40 3.94
CA GLN B 1 9.69 -28.93 2.72
C GLN B 1 10.04 -28.09 1.48
N VAL B 2 9.02 -27.56 0.82
CA VAL B 2 9.24 -26.74 -0.37
C VAL B 2 9.51 -25.30 0.05
N LYS B 3 10.45 -24.66 -0.64
CA LYS B 3 10.82 -23.30 -0.30
C LYS B 3 11.22 -22.48 -1.53
N LEU B 4 10.54 -21.37 -1.76
CA LEU B 4 10.88 -20.54 -2.90
C LEU B 4 11.45 -19.20 -2.43
N GLN B 5 12.42 -18.69 -3.18
CA GLN B 5 13.09 -17.44 -2.84
C GLN B 5 13.44 -16.62 -4.08
N GLN B 6 12.88 -15.43 -4.18
CA GLN B 6 13.16 -14.57 -5.32
C GLN B 6 14.34 -13.65 -5.02
N SER B 7 14.90 -13.07 -6.07
CA SER B 7 16.00 -12.13 -5.94
C SER B 7 16.22 -11.50 -7.29
N GLY B 8 16.76 -10.28 -7.29
CA GLY B 8 17.02 -9.62 -8.55
C GLY B 8 17.28 -8.15 -8.35
N PRO B 9 17.50 -7.42 -9.45
CA PRO B 9 17.75 -5.99 -9.32
C PRO B 9 16.58 -5.40 -8.57
N GLY B 10 16.83 -4.50 -7.64
CA GLY B 10 15.73 -3.90 -6.93
C GLY B 10 15.23 -2.65 -7.62
N LEU B 11 16.09 -2.02 -8.43
CA LEU B 11 15.77 -0.78 -9.13
C LEU B 11 16.42 -0.73 -10.51
N VAL B 12 15.66 -0.31 -11.53
CA VAL B 12 16.20 -0.21 -12.90
C VAL B 12 15.64 0.97 -13.69
N LYS B 13 16.29 1.25 -14.82
CA LYS B 13 15.90 2.35 -15.72
C LYS B 13 14.92 1.88 -16.78
N PRO B 14 13.94 2.72 -17.15
CA PRO B 14 12.99 2.27 -18.17
C PRO B 14 13.74 1.80 -19.42
N SER B 15 13.07 0.98 -20.24
CA SER B 15 13.64 0.43 -21.46
C SER B 15 14.57 -0.72 -21.20
N GLN B 16 15.31 -0.66 -20.10
CA GLN B 16 16.25 -1.72 -19.74
C GLN B 16 15.56 -3.07 -19.65
N SER B 17 16.38 -4.11 -19.58
CA SER B 17 15.89 -5.48 -19.44
C SER B 17 16.54 -6.05 -18.19
N LEU B 18 15.99 -7.15 -17.69
CA LEU B 18 16.55 -7.79 -16.51
C LEU B 18 15.99 -9.17 -16.31
N SER B 19 16.46 -9.82 -15.26
CA SER B 19 16.02 -11.16 -14.94
C SER B 19 15.86 -11.37 -13.44
N LEU B 20 14.72 -11.96 -13.08
CA LEU B 20 14.43 -12.25 -11.69
C LEU B 20 14.74 -13.72 -11.43
N THR B 21 15.43 -13.97 -10.33
CA THR B 21 15.80 -15.31 -9.97
C THR B 21 14.95 -15.89 -8.86
N CYS B 22 14.46 -17.09 -9.12
CA CYS B 22 13.69 -17.83 -8.14
C CYS B 22 14.53 -19.06 -7.88
N THR B 23 15.01 -19.19 -6.65
CA THR B 23 15.81 -20.33 -6.30
C THR B 23 14.97 -21.13 -5.32
N VAL B 24 14.59 -22.34 -5.72
CA VAL B 24 13.74 -23.20 -4.90
C VAL B 24 14.54 -24.28 -4.19
N THR B 25 14.18 -24.52 -2.91
CA THR B 25 14.87 -25.54 -2.09
C THR B 25 13.92 -26.57 -1.56
N GLY B 26 14.40 -27.84 -1.41
CA GLY B 26 13.59 -28.91 -0.87
C GLY B 26 12.68 -29.60 -1.88
N TYR B 27 12.98 -29.42 -3.17
CA TYR B 27 12.19 -30.04 -4.23
C TYR B 27 12.85 -29.79 -5.58
N SER B 28 12.90 -30.83 -6.41
CA SER B 28 13.51 -30.71 -7.74
C SER B 28 12.51 -30.17 -8.77
N ILE B 29 12.87 -29.08 -9.44
CA ILE B 29 12.00 -28.48 -10.44
C ILE B 29 11.80 -29.34 -11.68
N THR B 30 12.48 -30.47 -11.77
CA THR B 30 12.33 -31.38 -12.90
C THR B 30 11.40 -32.51 -12.49
N SER B 31 11.24 -32.63 -11.18
CA SER B 31 10.41 -33.65 -10.56
C SER B 31 8.96 -33.68 -11.05
N ASP B 32 8.24 -32.58 -10.86
CA ASP B 32 6.84 -32.48 -11.25
C ASP B 32 6.41 -31.03 -11.09
N TYR B 33 5.13 -30.74 -11.24
CA TYR B 33 4.62 -29.38 -11.09
C TYR B 33 5.11 -28.38 -12.13
N ALA B 34 4.43 -27.23 -12.19
CA ALA B 34 4.78 -26.13 -13.07
C ALA B 34 5.40 -25.08 -12.18
N TRP B 35 6.36 -24.32 -12.69
CA TRP B 35 7.00 -23.29 -11.88
C TRP B 35 6.68 -21.91 -12.45
N ASN B 36 5.91 -21.14 -11.65
CA ASN B 36 5.37 -19.85 -12.09
C ASN B 36 5.98 -18.55 -11.57
N TRP B 37 5.68 -17.47 -12.34
CA TRP B 37 6.06 -16.10 -12.00
C TRP B 37 4.76 -15.32 -12.06
N ILE B 38 4.44 -14.68 -10.94
CA ILE B 38 3.22 -13.93 -10.78
C ILE B 38 3.60 -12.61 -10.14
N ARG B 39 2.94 -11.53 -10.56
CA ARG B 39 3.26 -10.24 -9.96
C ARG B 39 2.05 -9.54 -9.37
N GLN B 40 2.30 -8.70 -8.38
CA GLN B 40 1.23 -7.96 -7.73
C GLN B 40 1.47 -6.47 -7.87
N PHE B 41 0.43 -5.79 -8.34
CA PHE B 41 0.47 -4.35 -8.55
C PHE B 41 -0.01 -3.59 -7.33
N PRO B 42 0.35 -2.30 -7.22
CA PRO B 42 -0.08 -1.47 -6.09
C PRO B 42 -1.59 -1.41 -6.14
N GLY B 43 -2.23 -2.08 -5.19
CA GLY B 43 -3.67 -2.14 -5.15
C GLY B 43 -4.05 -3.60 -4.90
N ASN B 44 -3.04 -4.43 -4.73
CA ASN B 44 -3.18 -5.85 -4.45
C ASN B 44 -3.62 -6.71 -5.62
N LYS B 45 -3.75 -6.10 -6.80
CA LYS B 45 -4.15 -6.85 -8.01
C LYS B 45 -3.08 -7.86 -8.42
N LEU B 46 -3.50 -9.11 -8.61
CA LEU B 46 -2.60 -10.18 -9.01
C LEU B 46 -2.68 -10.49 -10.49
N GLU B 47 -1.52 -10.79 -11.09
CA GLU B 47 -1.45 -11.12 -12.50
C GLU B 47 -0.41 -12.22 -12.74
N TRP B 48 -0.85 -13.27 -13.43
CA TRP B 48 0.01 -14.40 -13.76
C TRP B 48 0.81 -14.06 -15.00
N MET B 49 2.10 -14.36 -14.96
CA MET B 49 2.98 -14.05 -16.06
C MET B 49 3.39 -15.22 -16.93
N ALA B 50 3.84 -16.30 -16.30
CA ALA B 50 4.28 -17.46 -17.05
C ALA B 50 4.77 -18.55 -16.13
N TYR B 51 5.01 -19.73 -16.71
CA TYR B 51 5.54 -20.84 -15.96
C TYR B 51 6.40 -21.71 -16.85
N ILE B 52 7.15 -22.61 -16.24
CA ILE B 52 7.97 -23.53 -17.00
C ILE B 52 7.69 -24.84 -16.29
N SER B 53 7.26 -25.85 -17.04
CA SER B 53 6.94 -27.14 -16.43
C SER B 53 8.17 -27.95 -16.13
N TYR B 54 8.00 -29.02 -15.35
CA TYR B 54 9.12 -29.88 -15.00
C TYR B 54 9.63 -30.46 -16.30
N SER B 55 8.71 -30.74 -17.23
CA SER B 55 9.08 -31.34 -18.50
C SER B 55 9.76 -30.35 -19.45
N GLY B 56 9.83 -29.08 -19.06
CA GLY B 56 10.48 -28.11 -19.91
C GLY B 56 9.57 -27.21 -20.73
N SER B 57 8.26 -27.43 -20.65
CA SER B 57 7.31 -26.60 -21.40
C SER B 57 7.24 -25.20 -20.79
N THR B 58 6.83 -24.23 -21.59
CA THR B 58 6.71 -22.86 -21.11
C THR B 58 5.42 -22.22 -21.64
N THR B 59 4.64 -21.59 -20.76
CA THR B 59 3.42 -20.91 -21.19
C THR B 59 3.58 -19.46 -20.83
N TYR B 60 2.97 -18.56 -21.58
CA TYR B 60 3.08 -17.15 -21.29
C TYR B 60 1.72 -16.46 -21.33
N ASN B 61 1.63 -15.34 -20.62
CA ASN B 61 0.42 -14.54 -20.60
C ASN B 61 0.52 -13.79 -21.93
N PRO B 62 -0.44 -14.02 -22.84
CA PRO B 62 -0.43 -13.35 -24.15
C PRO B 62 -0.11 -11.86 -24.17
N SER B 63 -0.43 -11.15 -23.09
CA SER B 63 -0.17 -9.71 -23.04
C SER B 63 1.27 -9.35 -22.69
N LEU B 64 2.09 -10.35 -22.41
CA LEU B 64 3.48 -10.08 -22.07
C LEU B 64 4.42 -11.02 -22.82
N LYS B 65 3.85 -11.88 -23.65
CA LYS B 65 4.65 -12.86 -24.38
C LYS B 65 5.52 -12.26 -25.48
N SER B 66 5.56 -10.94 -25.55
CA SER B 66 6.38 -10.26 -26.54
C SER B 66 7.65 -9.76 -25.86
N ARG B 67 7.54 -9.47 -24.57
CA ARG B 67 8.64 -8.94 -23.79
C ARG B 67 9.24 -9.86 -22.74
N ILE B 68 8.59 -10.97 -22.41
CA ILE B 68 9.19 -11.82 -21.41
C ILE B 68 9.67 -13.16 -21.92
N SER B 69 10.43 -13.84 -21.07
CA SER B 69 11.00 -15.12 -21.41
C SER B 69 11.38 -15.87 -20.12
N ILE B 70 11.03 -17.15 -20.05
CA ILE B 70 11.32 -17.99 -18.89
C ILE B 70 12.36 -19.05 -19.22
N THR B 71 13.39 -19.15 -18.39
CA THR B 71 14.41 -20.16 -18.62
C THR B 71 14.74 -20.78 -17.27
N ARG B 72 15.51 -21.87 -17.27
CA ARG B 72 15.87 -22.51 -16.01
C ARG B 72 17.26 -23.15 -16.05
N ASP B 73 17.75 -23.50 -14.88
CA ASP B 73 19.05 -24.12 -14.68
C ASP B 73 18.74 -25.27 -13.72
N THR B 74 18.42 -26.44 -14.27
CA THR B 74 18.07 -27.57 -13.41
C THR B 74 19.21 -28.02 -12.51
N SER B 75 20.43 -27.59 -12.80
CA SER B 75 21.57 -27.99 -12.00
C SER B 75 21.57 -27.22 -10.68
N LYS B 76 21.29 -25.92 -10.76
CA LYS B 76 21.24 -25.07 -9.58
C LYS B 76 19.83 -24.98 -9.03
N ASN B 77 18.92 -25.77 -9.60
CA ASN B 77 17.52 -25.81 -9.18
C ASN B 77 16.88 -24.41 -9.13
N GLN B 78 17.11 -23.64 -10.19
CA GLN B 78 16.55 -22.29 -10.29
C GLN B 78 15.89 -22.07 -11.66
N PHE B 79 14.94 -21.15 -11.72
CA PHE B 79 14.29 -20.79 -12.99
C PHE B 79 14.17 -19.28 -12.99
N PHE B 80 14.54 -18.64 -14.09
CA PHE B 80 14.54 -17.19 -14.15
C PHE B 80 13.48 -16.55 -15.05
N LEU B 81 13.15 -15.29 -14.74
CA LEU B 81 12.19 -14.51 -15.52
C LEU B 81 12.89 -13.31 -16.12
N GLN B 82 12.81 -13.17 -17.44
CA GLN B 82 13.45 -12.06 -18.11
C GLN B 82 12.40 -11.08 -18.67
N LEU B 83 12.56 -9.81 -18.31
CA LEU B 83 11.68 -8.73 -18.74
C LEU B 83 12.47 -7.74 -19.57
N ASN B 84 11.95 -7.36 -20.71
CA ASN B 84 12.63 -6.40 -21.60
C ASN B 84 11.76 -5.19 -21.79
N SER B 85 12.32 -4.14 -22.38
CA SER B 85 11.58 -2.90 -22.62
C SER B 85 10.68 -2.63 -21.41
N VAL B 86 11.26 -2.71 -20.22
CA VAL B 86 10.47 -2.45 -19.03
C VAL B 86 9.99 -1.00 -19.00
N THR B 87 8.72 -0.87 -18.67
CA THR B 87 8.06 0.42 -18.56
C THR B 87 7.84 0.67 -17.08
N THR B 88 7.43 1.88 -16.74
CA THR B 88 7.18 2.21 -15.33
C THR B 88 5.98 1.43 -14.80
N GLU B 89 5.15 1.13 -15.73
CA GLU B 89 3.94 0.40 -15.56
C GLU B 89 4.25 -1.05 -14.95
N ASP B 90 5.55 -1.51 -15.01
CA ASP B 90 6.01 -2.82 -14.49
C ASP B 90 6.46 -2.81 -13.03
N THR B 91 6.56 -1.64 -12.40
CA THR B 91 7.01 -1.64 -11.02
C THR B 91 5.96 -2.33 -10.18
N ALA B 92 6.36 -3.38 -9.48
CA ALA B 92 5.44 -4.13 -8.64
C ALA B 92 6.18 -5.14 -7.80
N ILE B 93 5.40 -6.04 -7.23
CA ILE B 93 5.97 -7.09 -6.42
C ILE B 93 5.92 -8.39 -7.22
N TYR B 94 7.10 -8.98 -7.42
CA TYR B 94 7.18 -10.19 -8.20
C TYR B 94 7.33 -11.45 -7.37
N TYR B 95 6.46 -12.41 -7.62
CA TYR B 95 6.47 -13.67 -6.92
C TYR B 95 6.74 -14.85 -7.85
N CYS B 96 7.38 -15.88 -7.31
CA CYS B 96 7.60 -17.09 -8.06
C CYS B 96 6.78 -18.09 -7.28
N ALA B 97 6.21 -19.08 -7.93
CA ALA B 97 5.39 -20.02 -7.17
C ALA B 97 5.30 -21.38 -7.82
N ARG B 98 4.92 -22.38 -7.06
CA ARG B 98 4.74 -23.70 -7.64
C ARG B 98 3.27 -23.89 -7.85
N GLY B 99 2.85 -24.42 -8.96
CA GLY B 99 1.37 -24.51 -9.02
C GLY B 99 0.85 -25.93 -9.40
N GLY B 100 -0.51 -26.06 -9.60
CA GLY B 100 -1.30 -27.28 -10.02
C GLY B 100 -2.72 -27.21 -9.35
N THR B 101 -2.59 -27.82 -8.17
CA THR B 101 -3.52 -27.71 -7.12
C THR B 101 -3.25 -26.26 -6.81
N GLY B 102 -4.09 -25.36 -7.28
CA GLY B 102 -3.86 -23.92 -7.12
C GLY B 102 -2.40 -23.59 -6.86
N PHE B 103 -2.06 -22.31 -6.61
CA PHE B 103 -0.63 -22.01 -6.41
C PHE B 103 -0.21 -22.42 -5.00
N ASP B 104 0.38 -23.65 -4.75
CA ASP B 104 0.73 -24.02 -3.36
C ASP B 104 1.80 -23.15 -2.72
N TYR B 105 3.02 -23.22 -3.22
CA TYR B 105 4.00 -22.48 -2.44
C TYR B 105 4.34 -21.16 -3.07
N TRP B 106 4.55 -20.15 -2.24
CA TRP B 106 4.92 -18.84 -2.73
C TRP B 106 6.18 -18.39 -2.01
N GLY B 107 6.91 -17.47 -2.64
CA GLY B 107 8.12 -16.95 -2.03
C GLY B 107 7.71 -15.71 -1.26
N ALA B 108 8.68 -14.95 -0.76
CA ALA B 108 8.39 -13.74 -0.04
C ALA B 108 8.19 -12.65 -1.07
N GLY B 109 8.50 -12.98 -2.33
CA GLY B 109 8.35 -12.02 -3.40
C GLY B 109 9.41 -10.93 -3.35
N THR B 110 9.70 -10.34 -4.50
CA THR B 110 10.69 -9.27 -4.56
C THR B 110 10.17 -8.01 -5.25
N THR B 111 10.46 -6.87 -4.63
CA THR B 111 10.02 -5.58 -5.15
C THR B 111 10.92 -5.02 -6.24
N LEU B 112 10.30 -4.57 -7.32
CA LEU B 112 11.04 -3.98 -8.43
C LEU B 112 10.50 -2.57 -8.65
N THR B 113 11.40 -1.63 -8.93
CA THR B 113 11.01 -0.26 -9.16
C THR B 113 11.61 0.28 -10.46
N VAL B 114 10.75 0.58 -11.41
CA VAL B 114 11.19 1.10 -12.68
C VAL B 114 11.15 2.62 -12.57
N SER B 115 12.33 3.23 -12.51
CA SER B 115 12.45 4.67 -12.36
C SER B 115 13.70 5.28 -12.98
N ALA B 116 13.55 6.50 -13.50
CA ALA B 116 14.65 7.22 -14.12
C ALA B 116 15.37 8.06 -13.07
N ALA B 117 14.75 8.20 -11.91
CA ALA B 117 15.30 9.01 -10.83
C ALA B 117 16.66 8.53 -10.38
N ALA B 118 17.39 9.43 -9.72
CA ALA B 118 18.72 9.15 -9.21
C ALA B 118 18.67 9.32 -7.70
N THR B 119 19.42 8.49 -7.00
CA THR B 119 19.44 8.58 -5.55
C THR B 119 19.70 10.01 -5.12
N THR B 120 18.75 10.57 -4.38
CA THR B 120 18.89 11.93 -3.89
C THR B 120 18.28 12.06 -2.49
N PRO B 121 19.03 12.64 -1.53
CA PRO B 121 18.57 12.84 -0.15
C PRO B 121 17.29 13.67 0.00
N PRO B 122 16.51 13.43 1.08
CA PRO B 122 15.27 14.14 1.35
C PRO B 122 15.45 15.50 2.01
N SER B 123 14.47 16.37 1.81
CA SER B 123 14.46 17.68 2.46
C SER B 123 13.45 17.45 3.56
N VAL B 124 13.84 17.69 4.81
CA VAL B 124 12.94 17.50 5.94
C VAL B 124 12.51 18.83 6.52
N TYR B 125 11.20 19.03 6.62
CA TYR B 125 10.67 20.29 7.12
C TYR B 125 9.84 20.16 8.39
N PRO B 126 10.13 20.99 9.38
CA PRO B 126 9.37 20.92 10.63
C PRO B 126 7.96 21.48 10.43
N LEU B 127 6.97 20.80 10.99
CA LEU B 127 5.58 21.23 10.88
C LEU B 127 5.00 21.59 12.25
N ALA B 128 5.08 22.87 12.60
CA ALA B 128 4.54 23.34 13.87
C ALA B 128 3.17 23.98 13.65
N PRO B 129 2.33 23.98 14.70
CA PRO B 129 0.97 24.54 14.64
C PRO B 129 0.91 25.95 14.06
N GLY B 130 -0.20 26.23 13.39
CA GLY B 130 -0.40 27.54 12.80
C GLY B 130 -0.76 28.56 13.85
N SER B 131 -0.22 28.38 15.06
CA SER B 131 -0.46 29.30 16.16
C SER B 131 -1.87 29.25 16.75
N ALA B 132 -2.86 28.88 15.92
CA ALA B 132 -4.24 28.84 16.40
C ALA B 132 -4.94 27.47 16.42
N THR B 133 -4.64 26.62 15.44
CA THR B 133 -5.26 25.29 15.35
C THR B 133 -4.75 24.21 16.33
N ALA B 134 -5.47 24.02 17.43
CA ALA B 134 -5.13 23.01 18.45
C ALA B 134 -6.18 22.98 19.55
N ALA B 135 -7.07 21.99 19.49
CA ALA B 135 -8.16 21.84 20.45
C ALA B 135 -7.75 21.44 21.86
N ALA B 136 -7.33 22.42 22.65
CA ALA B 136 -6.93 22.22 24.04
C ALA B 136 -5.95 21.07 24.32
N SER B 137 -6.40 20.11 25.13
CA SER B 137 -5.59 18.97 25.54
C SER B 137 -4.52 18.46 24.57
N MET B 138 -4.92 18.12 23.36
CA MET B 138 -3.96 17.57 22.40
C MET B 138 -3.49 18.55 21.34
N VAL B 139 -2.18 18.55 21.09
CA VAL B 139 -1.60 19.39 20.07
C VAL B 139 -0.99 18.38 19.11
N THR B 140 -1.13 18.62 17.82
CA THR B 140 -0.56 17.72 16.83
C THR B 140 0.61 18.44 16.14
N LEU B 141 1.72 17.72 15.95
CA LEU B 141 2.87 18.28 15.27
C LEU B 141 3.13 17.40 14.06
N GLY B 142 3.93 17.91 13.13
CA GLY B 142 4.19 17.11 11.95
C GLY B 142 5.58 17.19 11.40
N CYS B 143 5.84 16.36 10.41
CA CYS B 143 7.16 16.29 9.77
C CYS B 143 6.99 16.04 8.27
N LEU B 144 7.51 16.94 7.45
CA LEU B 144 7.41 16.82 6.00
C LEU B 144 8.74 16.35 5.41
N VAL B 145 8.70 15.20 4.74
CA VAL B 145 9.88 14.58 4.14
C VAL B 145 9.68 14.49 2.63
N LYS B 146 10.09 15.52 1.87
CA LYS B 146 9.88 15.49 0.42
C LYS B 146 11.11 15.44 -0.49
N GLY B 147 10.88 14.99 -1.72
CA GLY B 147 11.93 14.91 -2.70
C GLY B 147 13.07 13.98 -2.35
N TYR B 148 12.79 12.69 -2.30
CA TYR B 148 13.85 11.74 -1.98
C TYR B 148 13.68 10.50 -2.83
N PHE B 149 14.80 9.84 -3.12
CA PHE B 149 14.79 8.62 -3.89
C PHE B 149 16.04 7.82 -3.56
N PRO B 150 15.89 6.49 -3.39
CA PRO B 150 14.62 5.77 -3.52
C PRO B 150 14.05 5.48 -2.13
N GLU B 151 13.17 4.49 -2.04
CA GLU B 151 12.60 4.09 -0.76
C GLU B 151 13.60 3.15 -0.11
N PRO B 152 13.55 3.01 1.21
CA PRO B 152 12.59 3.69 2.08
C PRO B 152 13.20 4.81 2.92
N VAL B 153 12.38 5.34 3.81
CA VAL B 153 12.80 6.37 4.74
C VAL B 153 12.35 5.92 6.13
N THR B 154 13.19 6.16 7.13
CA THR B 154 12.86 5.82 8.50
C THR B 154 12.53 7.12 9.24
N VAL B 155 11.37 7.17 9.86
CA VAL B 155 10.97 8.36 10.62
C VAL B 155 10.57 7.99 12.05
N THR B 156 11.24 8.61 13.03
CA THR B 156 10.91 8.37 14.44
C THR B 156 10.86 9.71 15.16
N TRP B 157 10.20 9.73 16.32
CA TRP B 157 10.11 10.96 17.09
C TRP B 157 10.86 10.81 18.41
N ASN B 158 11.68 11.80 18.73
CA ASN B 158 12.49 11.78 19.94
C ASN B 158 13.30 10.46 20.04
N SER B 159 14.03 10.16 18.97
CA SER B 159 14.87 8.96 18.90
C SER B 159 14.17 7.69 19.39
N GLY B 160 12.84 7.67 19.35
CA GLY B 160 12.10 6.50 19.79
C GLY B 160 11.27 6.73 21.03
N ALA B 161 11.65 7.73 21.82
CA ALA B 161 10.93 8.05 23.04
C ALA B 161 9.41 8.15 22.84
N LEU B 162 8.98 8.77 21.75
CA LEU B 162 7.55 8.91 21.44
C LEU B 162 7.17 7.85 20.43
N SER B 163 6.18 7.04 20.79
CA SER B 163 5.74 5.95 19.94
C SER B 163 4.26 5.91 19.66
N SER B 164 3.45 6.39 20.59
CA SER B 164 2.01 6.39 20.38
C SER B 164 1.57 7.78 19.96
N GLY B 165 0.37 7.88 19.38
CA GLY B 165 -0.13 9.16 18.91
C GLY B 165 0.63 9.55 17.66
N VAL B 166 1.25 8.54 17.04
CA VAL B 166 2.05 8.71 15.85
C VAL B 166 1.43 8.21 14.56
N HIS B 167 1.66 8.96 13.49
CA HIS B 167 1.16 8.58 12.18
C HIS B 167 2.19 8.84 11.11
N THR B 168 2.49 7.80 10.35
CA THR B 168 3.43 7.91 9.26
C THR B 168 2.65 7.39 8.07
N PHE B 169 2.58 8.21 7.03
CA PHE B 169 1.81 7.82 5.84
C PHE B 169 2.68 7.26 4.72
N PRO B 170 2.08 6.41 3.87
CA PRO B 170 2.84 5.83 2.75
C PRO B 170 3.32 6.92 1.80
N ALA B 171 4.57 6.80 1.36
CA ALA B 171 5.16 7.76 0.44
C ALA B 171 4.36 7.77 -0.85
N VAL B 172 4.40 8.89 -1.55
CA VAL B 172 3.68 9.02 -2.81
C VAL B 172 4.60 9.68 -3.81
N LEU B 173 4.23 9.66 -5.09
CA LEU B 173 5.08 10.28 -6.11
C LEU B 173 4.67 11.67 -6.52
N GLN B 174 5.65 12.57 -6.49
CA GLN B 174 5.47 13.96 -6.86
C GLN B 174 6.57 14.11 -7.91
N SER B 175 6.19 14.42 -9.16
CA SER B 175 7.19 14.45 -10.20
C SER B 175 7.71 13.03 -10.22
N ASP B 176 9.02 12.84 -10.09
CA ASP B 176 9.53 11.46 -10.04
C ASP B 176 10.22 11.20 -8.70
N LEU B 177 9.83 11.95 -7.68
CA LEU B 177 10.41 11.82 -6.35
C LEU B 177 9.35 11.45 -5.33
N TYR B 178 9.77 10.80 -4.25
CA TYR B 178 8.85 10.41 -3.20
C TYR B 178 8.71 11.49 -2.16
N THR B 179 7.52 11.61 -1.59
CA THR B 179 7.27 12.57 -0.53
C THR B 179 6.41 11.83 0.47
N LEU B 180 6.75 11.96 1.75
CA LEU B 180 6.04 11.29 2.82
C LEU B 180 5.93 12.22 4.01
N SER B 181 4.96 11.99 4.88
CA SER B 181 4.81 12.85 6.04
C SER B 181 4.50 12.01 7.26
N SER B 182 4.61 12.61 8.43
CA SER B 182 4.35 11.92 9.67
C SER B 182 3.85 12.90 10.71
N SER B 183 3.06 12.42 11.65
CA SER B 183 2.55 13.29 12.70
C SER B 183 2.53 12.59 14.05
N VAL B 184 2.52 13.42 15.09
CA VAL B 184 2.47 12.92 16.44
C VAL B 184 1.59 13.87 17.24
N THR B 185 0.72 13.29 18.06
CA THR B 185 -0.16 14.09 18.88
C THR B 185 0.27 13.92 20.32
N VAL B 186 0.57 15.04 20.97
CA VAL B 186 1.01 15.03 22.36
C VAL B 186 0.15 15.97 23.22
N PRO B 187 0.15 15.77 24.55
CA PRO B 187 -0.66 16.68 25.36
C PRO B 187 -0.11 18.08 25.25
N SER B 188 -0.97 19.07 25.43
CA SER B 188 -0.57 20.46 25.34
C SER B 188 0.31 20.85 26.55
N SER B 189 0.84 19.85 27.27
CA SER B 189 1.70 20.10 28.43
C SER B 189 3.15 20.09 27.96
N PRO B 190 3.44 19.02 27.22
CA PRO B 190 4.74 18.87 26.66
C PRO B 190 5.14 19.99 25.81
N TRP B 191 4.49 19.96 24.68
CA TRP B 191 4.80 20.80 23.60
C TRP B 191 4.29 22.20 23.37
N PRO B 192 5.26 23.01 23.63
CA PRO B 192 6.08 24.22 23.66
C PRO B 192 7.28 24.10 24.60
N SER B 193 6.92 23.66 25.81
CA SER B 193 7.80 23.53 27.00
C SER B 193 8.77 22.35 27.00
N GLU B 194 8.52 21.36 26.15
CA GLU B 194 9.36 20.18 26.05
C GLU B 194 9.67 19.95 24.57
N THR B 195 10.94 19.78 24.28
CA THR B 195 11.42 19.58 22.93
C THR B 195 11.03 18.24 22.33
N VAL B 196 10.44 18.27 21.13
CA VAL B 196 10.09 17.06 20.42
C VAL B 196 10.87 17.20 19.11
N THR B 197 11.64 16.17 18.79
CA THR B 197 12.45 16.20 17.59
C THR B 197 12.03 15.09 16.67
N CYS B 198 11.99 15.39 15.38
CA CYS B 198 11.63 14.38 14.42
C CYS B 198 12.94 13.89 13.80
N ASN B 199 13.10 12.59 13.66
CA ASN B 199 14.33 12.04 13.08
C ASN B 199 14.03 11.36 11.77
N VAL B 200 14.79 11.68 10.73
CA VAL B 200 14.58 11.06 9.42
C VAL B 200 15.87 10.40 8.93
N ALA B 201 15.76 9.19 8.39
CA ALA B 201 16.94 8.49 7.89
C ALA B 201 16.70 7.91 6.51
N HIS B 202 17.52 8.35 5.57
CA HIS B 202 17.44 7.89 4.18
C HIS B 202 18.68 7.04 3.90
N PRO B 203 18.68 5.76 4.34
CA PRO B 203 19.80 4.82 4.14
C PRO B 203 20.50 4.98 2.79
N ALA B 204 19.72 4.83 1.73
CA ALA B 204 20.23 4.95 0.38
C ALA B 204 21.23 6.09 0.22
N SER B 205 20.83 7.30 0.57
CA SER B 205 21.73 8.44 0.43
C SER B 205 22.62 8.63 1.65
N SER B 206 22.65 7.63 2.53
CA SER B 206 23.45 7.71 3.75
C SER B 206 23.16 9.01 4.51
N THR B 207 21.93 9.50 4.40
CA THR B 207 21.53 10.74 5.07
C THR B 207 20.76 10.48 6.37
N LYS B 208 21.03 11.29 7.37
CA LYS B 208 20.38 11.17 8.68
C LYS B 208 20.12 12.60 9.15
N VAL B 209 18.85 12.96 9.35
CA VAL B 209 18.54 14.32 9.77
C VAL B 209 17.57 14.42 10.94
N ASP B 210 17.91 15.28 11.90
CA ASP B 210 17.05 15.53 13.05
C ASP B 210 16.50 16.94 12.88
N LYS B 211 15.22 17.11 13.17
CA LYS B 211 14.60 18.43 13.01
C LYS B 211 13.68 18.72 14.20
N LYS B 212 14.00 19.78 14.94
CA LYS B 212 13.21 20.17 16.11
C LYS B 212 12.00 21.02 15.74
N ILE B 213 10.83 20.63 16.25
CA ILE B 213 9.61 21.38 15.96
C ILE B 213 9.47 22.49 16.99
N VAL B 214 9.84 23.69 16.60
CA VAL B 214 9.78 24.84 17.50
C VAL B 214 8.59 25.71 17.13
N PRO B 215 8.06 26.49 18.09
CA PRO B 215 6.91 27.33 17.73
C PRO B 215 7.27 28.37 16.68
N ARG B 216 6.36 28.61 15.73
CA ARG B 216 6.60 29.60 14.68
C ARG B 216 6.48 31.01 15.26
N ASP B 217 6.79 32.01 14.44
CA ASP B 217 6.73 33.42 14.86
C ASP B 217 5.29 33.94 14.73
#